data_4B1L
#
_entry.id   4B1L
#
_cell.length_a   38.616
_cell.length_b   38.616
_cell.length_c   162.391
_cell.angle_alpha   90.00
_cell.angle_beta   90.00
_cell.angle_gamma   120.00
#
_symmetry.space_group_name_H-M   'P 32 2 1'
#
loop_
_entity.id
_entity.type
_entity.pdbx_description
1 polymer LEVANASE
2 non-polymer beta-D-fructofuranose
3 non-polymer 'SODIUM ION'
4 water water
#
_entity_poly.entity_id   1
_entity_poly.type   'polypeptide(L)'
_entity_poly.pdbx_seq_one_letter_code
;HMTTPFMSNMTGWTTVNGTWADTIEGKQGRSDGDSFILSSASGSDFTYESDITIKDGNGRGAGALMFRSDKDAKNGYLAN
VDAKHDLVKFFKFENGAASVIAEYKTPIDVNKKYHLKTEAEGDRFKIYLDDRLVIDAHDSVFSEGQFGLNVWDATAVFQN
VTKES
;
_entity_poly.pdbx_strand_id   A
#
# COMPACT_ATOMS: atom_id res chain seq x y z
N THR A 4 18.71 -5.16 11.23
CA THR A 4 17.57 -5.06 10.27
C THR A 4 16.70 -3.86 10.68
N PRO A 5 16.82 -2.73 9.95
CA PRO A 5 16.10 -1.53 10.34
C PRO A 5 14.64 -1.52 9.90
N PHE A 6 14.31 -2.37 8.93
CA PHE A 6 12.92 -2.51 8.46
C PHE A 6 12.18 -3.49 9.35
N MET A 7 11.14 -3.00 10.02
CA MET A 7 10.34 -3.78 10.98
C MET A 7 9.09 -4.34 10.28
N SER A 8 9.01 -5.66 10.16
CA SER A 8 7.84 -6.33 9.55
C SER A 8 7.73 -7.75 10.08
N ASN A 9 6.51 -8.31 10.09
CA ASN A 9 6.34 -9.73 10.41
C ASN A 9 6.22 -10.60 9.17
N MET A 10 6.64 -10.05 8.03
CA MET A 10 6.58 -10.73 6.73
C MET A 10 7.97 -10.73 6.10
N THR A 11 8.22 -11.66 5.19
CA THR A 11 9.52 -11.79 4.55
C THR A 11 9.39 -12.10 3.05
N GLY A 12 10.51 -12.46 2.41
CA GLY A 12 10.54 -12.79 0.99
C GLY A 12 10.22 -11.57 0.12
N TRP A 13 10.68 -10.40 0.57
CA TRP A 13 10.41 -9.16 -0.18
C TRP A 13 11.20 -9.17 -1.48
N THR A 14 10.50 -9.19 -2.62
CA THR A 14 11.10 -9.32 -3.96
C THR A 14 10.58 -8.20 -4.86
N THR A 15 11.50 -7.38 -5.36
CA THR A 15 11.16 -6.28 -6.25
C THR A 15 10.46 -6.76 -7.50
N VAL A 16 9.37 -6.08 -7.87
CA VAL A 16 8.76 -6.27 -9.18
C VAL A 16 9.40 -5.26 -10.16
N ASN A 17 9.39 -3.99 -9.77
CA ASN A 17 10.01 -2.89 -10.52
C ASN A 17 10.28 -1.74 -9.56
N GLY A 18 10.76 -0.61 -10.08
CA GLY A 18 11.17 0.49 -9.22
C GLY A 18 12.46 0.15 -8.48
N THR A 19 12.70 0.87 -7.39
CA THR A 19 13.88 0.60 -6.56
C THR A 19 13.47 0.57 -5.10
N TRP A 20 13.91 -0.45 -4.39
CA TRP A 20 13.49 -0.68 -3.01
C TRP A 20 14.69 -0.90 -2.19
N ALA A 21 14.78 -0.16 -1.08
CA ALA A 21 15.88 -0.32 -0.12
C ALA A 21 15.53 -0.01 1.32
N ASP A 22 16.23 -0.67 2.22
CA ASP A 22 16.01 -0.53 3.65
C ASP A 22 16.86 0.55 4.27
N THR A 23 16.23 1.43 5.03
CA THR A 23 16.91 2.55 5.63
C THR A 23 16.55 2.56 7.12
N ILE A 24 17.15 3.45 7.89
CA ILE A 24 16.79 3.52 9.32
C ILE A 24 15.34 3.94 9.56
N GLU A 25 14.67 4.47 8.53
CA GLU A 25 13.26 4.86 8.66
C GLU A 25 12.31 3.75 8.20
N GLY A 26 12.86 2.69 7.61
CA GLY A 26 12.08 1.56 7.12
C GLY A 26 12.38 1.29 5.65
N LYS A 27 11.51 0.57 4.96
CA LYS A 27 11.81 0.24 3.57
C LYS A 27 11.38 1.38 2.64
N GLN A 28 12.31 1.82 1.80
CA GLN A 28 12.11 2.96 0.92
C GLN A 28 11.83 2.49 -0.51
N GLY A 29 10.77 3.03 -1.09
CA GLY A 29 10.45 2.79 -2.48
C GLY A 29 10.61 4.09 -3.22
N ARG A 30 10.95 4.01 -4.49
CA ARG A 30 11.20 5.22 -5.30
C ARG A 30 10.94 4.93 -6.77
N SER A 31 9.95 5.61 -7.35
CA SER A 31 9.69 5.53 -8.80
C SER A 31 8.94 6.74 -9.36
N ASP A 32 9.15 6.98 -10.65
CA ASP A 32 8.21 7.74 -11.48
C ASP A 32 7.14 6.73 -11.90
N GLY A 33 5.88 7.12 -11.79
CA GLY A 33 4.78 6.16 -11.96
C GLY A 33 4.75 5.12 -10.85
N ASP A 34 3.95 4.10 -11.10
CA ASP A 34 3.74 3.01 -10.16
C ASP A 34 4.86 1.98 -10.14
N SER A 35 5.27 1.62 -8.92
CA SER A 35 6.18 0.49 -8.77
C SER A 35 5.80 -0.37 -7.56
N PHE A 36 6.35 -1.59 -7.53
CA PHE A 36 5.82 -2.62 -6.63
C PHE A 36 6.91 -3.51 -6.08
N ILE A 37 6.71 -3.93 -4.82
CA ILE A 37 7.51 -4.99 -4.20
C ILE A 37 6.53 -5.98 -3.55
N LEU A 38 6.78 -7.28 -3.74
CA LEU A 38 5.88 -8.30 -3.20
C LEU A 38 6.57 -9.13 -2.14
N SER A 39 5.84 -9.45 -1.08
CA SER A 39 6.27 -10.44 -0.12
C SER A 39 5.84 -11.82 -0.64
N SER A 40 6.52 -12.87 -0.20
CA SER A 40 6.13 -14.24 -0.53
C SER A 40 4.89 -14.63 0.26
N ALA A 41 4.62 -13.88 1.33
CA ALA A 41 3.41 -14.08 2.14
C ALA A 41 2.13 -13.86 1.33
N SER A 42 1.12 -14.67 1.61
CA SER A 42 -0.15 -14.56 0.91
C SER A 42 -1.28 -14.68 1.92
N GLY A 43 -2.46 -14.29 1.48
CA GLY A 43 -3.59 -14.19 2.40
C GLY A 43 -4.86 -14.02 1.64
N SER A 44 -5.97 -14.22 2.35
CA SER A 44 -7.32 -14.02 1.83
C SER A 44 -8.04 -12.93 2.65
N ASP A 45 -8.37 -13.27 3.89
CA ASP A 45 -8.96 -12.32 4.86
C ASP A 45 -7.90 -12.04 5.92
N PHE A 46 -7.79 -10.79 6.36
CA PHE A 46 -6.67 -10.34 7.22
C PHE A 46 -6.83 -8.89 7.67
N THR A 47 -5.97 -8.47 8.60
CA THR A 47 -5.67 -7.06 8.80
C THR A 47 -4.24 -6.83 8.31
N TYR A 48 -4.01 -5.71 7.64
CA TYR A 48 -2.71 -5.42 7.04
C TYR A 48 -2.46 -3.93 7.22
N GLU A 49 -1.29 -3.57 7.73
CA GLU A 49 -1.03 -2.19 8.08
C GLU A 49 0.43 -1.80 7.97
N SER A 50 0.68 -0.51 7.89
CA SER A 50 2.05 0.02 7.82
C SER A 50 2.04 1.49 8.22
N ASP A 51 3.14 1.94 8.79
CA ASP A 51 3.46 3.36 8.77
C ASP A 51 3.92 3.72 7.37
N ILE A 52 3.44 4.85 6.87
CA ILE A 52 3.81 5.33 5.53
C ILE A 52 4.15 6.83 5.60
N THR A 53 5.33 7.18 5.07
CA THR A 53 5.75 8.59 4.99
C THR A 53 6.13 8.93 3.58
N ILE A 54 5.51 9.98 3.00
CA ILE A 54 5.90 10.47 1.64
C ILE A 54 7.05 11.43 1.87
N LYS A 55 8.16 11.18 1.18
CA LYS A 55 9.35 12.03 1.30
C LYS A 55 9.36 13.09 0.20
N ASP A 56 10.30 14.03 0.30
CA ASP A 56 10.53 14.96 -0.81
C ASP A 56 11.11 14.17 -1.98
N GLY A 57 10.83 14.59 -3.20
CA GLY A 57 11.38 13.89 -4.38
C GLY A 57 10.33 13.35 -5.34
N ASN A 58 10.74 13.14 -6.59
CA ASN A 58 9.81 12.78 -7.67
C ASN A 58 8.63 13.74 -7.67
N GLY A 59 7.43 13.21 -7.77
CA GLY A 59 6.23 14.02 -7.82
C GLY A 59 5.55 14.24 -6.48
N ARG A 60 6.23 13.86 -5.38
CA ARG A 60 5.62 13.89 -4.03
C ARG A 60 4.21 13.24 -4.07
N GLY A 61 4.14 12.03 -4.63
CA GLY A 61 2.86 11.37 -4.90
C GLY A 61 2.37 10.52 -3.73
N ALA A 62 2.43 9.20 -3.90
CA ALA A 62 1.71 8.25 -3.03
C ALA A 62 2.55 7.04 -2.58
N GLY A 63 2.15 6.46 -1.45
CA GLY A 63 2.66 5.17 -0.99
C GLY A 63 1.47 4.29 -0.61
N ALA A 64 1.59 2.98 -0.86
CA ALA A 64 0.44 2.06 -0.78
C ALA A 64 0.75 0.71 -0.20
N LEU A 65 -0.23 0.20 0.53
CA LEU A 65 -0.37 -1.23 0.77
C LEU A 65 -0.91 -1.90 -0.49
N MET A 66 -0.39 -3.08 -0.81
CA MET A 66 -0.96 -3.91 -1.85
C MET A 66 -1.29 -5.28 -1.27
N PHE A 67 -2.40 -5.84 -1.72
CA PHE A 67 -2.89 -7.09 -1.14
C PHE A 67 -3.78 -7.83 -2.13
N ARG A 68 -3.94 -9.14 -1.89
CA ARG A 68 -4.63 -10.07 -2.81
C ARG A 68 -4.03 -9.93 -4.21
N SER A 69 -2.71 -9.78 -4.24
CA SER A 69 -2.05 -9.58 -5.52
C SER A 69 -1.65 -10.87 -6.24
N ASP A 70 -1.78 -10.87 -7.56
CA ASP A 70 -1.15 -11.91 -8.39
C ASP A 70 0.40 -11.78 -8.38
N LYS A 71 1.08 -12.77 -8.94
CA LYS A 71 2.54 -12.90 -8.81
C LYS A 71 3.32 -11.76 -9.50
N ASP A 72 2.65 -11.03 -10.39
CA ASP A 72 3.24 -9.99 -11.23
C ASP A 72 2.83 -8.56 -10.81
N ALA A 73 2.00 -8.47 -9.76
CA ALA A 73 1.42 -7.21 -9.32
C ALA A 73 0.57 -6.54 -10.43
N LYS A 74 0.10 -7.37 -11.37
CA LYS A 74 -0.73 -6.90 -12.49
C LYS A 74 -2.23 -6.92 -12.14
N ASN A 75 -2.54 -7.59 -11.05
CA ASN A 75 -3.91 -7.73 -10.53
C ASN A 75 -3.85 -7.71 -9.01
N GLY A 76 -4.70 -6.90 -8.38
CA GLY A 76 -4.77 -6.90 -6.91
C GLY A 76 -5.41 -5.64 -6.41
N TYR A 77 -5.40 -5.46 -5.08
CA TYR A 77 -5.98 -4.27 -4.43
C TYR A 77 -4.90 -3.44 -3.80
N LEU A 78 -5.13 -2.13 -3.72
CA LEU A 78 -4.23 -1.22 -3.00
C LEU A 78 -5.07 -0.28 -2.13
N ALA A 79 -4.46 0.15 -1.04
CA ALA A 79 -4.95 1.31 -0.27
C ALA A 79 -3.78 2.24 -0.13
N ASN A 80 -3.97 3.54 -0.37
CA ASN A 80 -2.83 4.46 -0.32
C ASN A 80 -3.04 5.74 0.45
N VAL A 81 -1.94 6.47 0.68
CA VAL A 81 -1.99 7.89 1.03
C VAL A 81 -1.30 8.62 -0.11
N ASP A 82 -1.98 9.66 -0.61
CA ASP A 82 -1.53 10.42 -1.77
C ASP A 82 -1.39 11.85 -1.32
N ALA A 83 -0.12 12.30 -1.21
CA ALA A 83 0.21 13.67 -0.74
C ALA A 83 -0.15 14.71 -1.78
N LYS A 84 0.11 14.40 -3.03
CA LYS A 84 -0.12 15.33 -4.13
C LYS A 84 -1.60 15.66 -4.31
N HIS A 85 -2.45 14.64 -4.17
CA HIS A 85 -3.89 14.77 -4.37
C HIS A 85 -4.69 14.87 -3.12
N ASP A 86 -4.05 14.71 -1.96
CA ASP A 86 -4.74 14.81 -0.66
C ASP A 86 -5.90 13.80 -0.62
N LEU A 87 -5.56 12.53 -0.80
CA LEU A 87 -6.52 11.46 -0.92
C LEU A 87 -6.01 10.23 -0.23
N VAL A 88 -6.94 9.46 0.32
CA VAL A 88 -6.69 8.05 0.68
C VAL A 88 -7.53 7.28 -0.32
N LYS A 89 -6.90 6.46 -1.13
CA LYS A 89 -7.64 5.72 -2.19
C LYS A 89 -7.67 4.25 -1.86
N PHE A 90 -8.80 3.61 -2.19
CA PHE A 90 -8.89 2.17 -2.24
C PHE A 90 -9.12 1.87 -3.70
N PHE A 91 -8.22 1.09 -4.28
CA PHE A 91 -8.25 0.85 -5.72
C PHE A 91 -7.74 -0.56 -6.08
N LYS A 92 -7.86 -0.89 -7.36
CA LYS A 92 -7.45 -2.20 -7.85
C LYS A 92 -6.73 -2.09 -9.19
N PHE A 93 -5.77 -2.97 -9.39
CA PHE A 93 -5.26 -3.23 -10.73
C PHE A 93 -5.98 -4.45 -11.26
N GLU A 94 -6.44 -4.36 -12.50
CA GLU A 94 -7.05 -5.48 -13.17
C GLU A 94 -6.50 -5.44 -14.58
N ASN A 95 -5.91 -6.54 -15.03
CA ASN A 95 -5.30 -6.62 -16.36
C ASN A 95 -4.23 -5.52 -16.57
N GLY A 96 -3.54 -5.17 -15.49
CA GLY A 96 -2.40 -4.28 -15.52
C GLY A 96 -2.71 -2.81 -15.42
N ALA A 97 -3.99 -2.46 -15.22
CA ALA A 97 -4.34 -1.04 -15.10
C ALA A 97 -5.20 -0.75 -13.88
N ALA A 98 -5.07 0.46 -13.35
CA ALA A 98 -5.69 0.86 -12.08
C ALA A 98 -7.08 1.43 -12.31
N SER A 99 -7.98 1.15 -11.36
CA SER A 99 -9.27 1.84 -11.31
C SER A 99 -9.65 1.96 -9.84
N VAL A 100 -10.36 3.03 -9.52
CA VAL A 100 -10.56 3.35 -8.10
C VAL A 100 -11.93 2.92 -7.62
N ILE A 101 -11.98 2.37 -6.40
CA ILE A 101 -13.19 1.79 -5.82
C ILE A 101 -13.79 2.86 -4.88
N ALA A 102 -12.96 3.47 -4.06
CA ALA A 102 -13.41 4.53 -3.15
C ALA A 102 -12.24 5.46 -2.88
N GLU A 103 -12.54 6.70 -2.46
CA GLU A 103 -11.48 7.67 -2.13
C GLU A 103 -12.01 8.69 -1.14
N TYR A 104 -11.16 9.05 -0.18
CA TYR A 104 -11.53 9.95 0.89
C TYR A 104 -10.59 11.17 0.83
N LYS A 105 -11.16 12.39 0.89
CA LYS A 105 -10.40 13.66 0.79
C LYS A 105 -9.97 14.14 2.16
N THR A 106 -8.68 14.36 2.31
CA THR A 106 -8.09 14.87 3.54
C THR A 106 -6.69 15.37 3.19
N PRO A 107 -6.19 16.36 3.92
CA PRO A 107 -4.83 16.78 3.60
C PRO A 107 -3.81 15.70 3.94
N ILE A 108 -2.95 15.39 2.97
CA ILE A 108 -1.88 14.45 3.19
C ILE A 108 -0.59 15.21 2.94
N ASP A 109 0.26 15.27 3.98
CA ASP A 109 1.45 16.10 3.93
C ASP A 109 2.68 15.24 3.74
N VAL A 110 3.66 15.80 3.03
CA VAL A 110 4.96 15.21 2.84
C VAL A 110 5.68 15.32 4.20
N ASN A 111 6.53 14.33 4.50
CA ASN A 111 7.28 14.21 5.76
C ASN A 111 6.44 14.03 7.02
N LYS A 112 5.17 13.66 6.86
CA LYS A 112 4.32 13.30 7.99
C LYS A 112 4.08 11.79 7.94
N LYS A 113 4.26 11.13 9.08
CA LYS A 113 4.03 9.70 9.19
C LYS A 113 2.54 9.44 9.33
N TYR A 114 2.00 8.60 8.44
CA TYR A 114 0.60 8.15 8.53
C TYR A 114 0.53 6.65 8.82
N HIS A 115 -0.42 6.27 9.64
CA HIS A 115 -0.66 4.84 9.81
C HIS A 115 -1.84 4.46 8.98
N LEU A 116 -1.63 3.53 8.05
CA LEU A 116 -2.69 3.02 7.16
C LEU A 116 -2.97 1.55 7.47
N LYS A 117 -4.25 1.23 7.71
CA LYS A 117 -4.68 -0.10 8.08
C LYS A 117 -5.81 -0.54 7.16
N THR A 118 -5.71 -1.75 6.63
CA THR A 118 -6.83 -2.34 5.87
C THR A 118 -7.28 -3.61 6.58
N GLU A 119 -8.59 -3.76 6.74
CA GLU A 119 -9.25 -4.99 7.19
C GLU A 119 -10.01 -5.53 5.99
N ALA A 120 -9.64 -6.72 5.53
CA ALA A 120 -10.33 -7.38 4.41
C ALA A 120 -11.03 -8.65 4.89
N GLU A 121 -12.28 -8.82 4.49
CA GLU A 121 -13.04 -9.99 4.87
C GLU A 121 -14.05 -10.25 3.76
N GLY A 122 -13.87 -11.35 3.04
CA GLY A 122 -14.67 -11.58 1.84
C GLY A 122 -14.54 -10.40 0.87
N ASP A 123 -15.69 -9.87 0.45
CA ASP A 123 -15.67 -8.78 -0.54
C ASP A 123 -15.71 -7.41 0.16
N ARG A 124 -15.48 -7.38 1.48
CA ARG A 124 -15.64 -6.14 2.26
C ARG A 124 -14.33 -5.62 2.86
N PHE A 125 -14.08 -4.32 2.65
CA PHE A 125 -12.81 -3.70 3.02
C PHE A 125 -13.04 -2.46 3.87
N LYS A 126 -12.30 -2.37 4.96
CA LYS A 126 -12.37 -1.22 5.85
C LYS A 126 -10.97 -0.65 5.98
N ILE A 127 -10.85 0.64 5.65
CA ILE A 127 -9.54 1.31 5.60
C ILE A 127 -9.52 2.39 6.67
N TYR A 128 -8.46 2.35 7.48
CA TYR A 128 -8.33 3.25 8.61
C TYR A 128 -7.10 4.13 8.44
N LEU A 129 -7.27 5.43 8.67
CA LEU A 129 -6.12 6.35 8.63
C LEU A 129 -5.89 6.85 10.04
N ASP A 130 -4.74 6.50 10.62
CA ASP A 130 -4.43 6.84 12.01
C ASP A 130 -5.57 6.47 12.97
N ASP A 131 -6.09 5.25 12.77
CA ASP A 131 -7.18 4.65 13.56
C ASP A 131 -8.62 5.15 13.26
N ARG A 132 -8.75 6.18 12.43
CA ARG A 132 -10.05 6.68 12.02
C ARG A 132 -10.50 5.89 10.78
N LEU A 133 -11.67 5.26 10.88
CA LEU A 133 -12.25 4.58 9.73
C LEU A 133 -12.66 5.64 8.70
N VAL A 134 -12.11 5.55 7.49
CA VAL A 134 -12.37 6.51 6.43
C VAL A 134 -13.06 5.89 5.21
N ILE A 135 -12.84 4.60 4.96
CA ILE A 135 -13.46 3.91 3.82
C ILE A 135 -14.03 2.55 4.26
N ASP A 136 -15.27 2.28 3.85
CA ASP A 136 -15.88 0.94 3.98
C ASP A 136 -16.42 0.62 2.60
N ALA A 137 -15.79 -0.32 1.90
CA ALA A 137 -16.16 -0.58 0.49
C ALA A 137 -16.33 -2.06 0.17
N HIS A 138 -17.12 -2.34 -0.87
CA HIS A 138 -17.20 -3.72 -1.36
C HIS A 138 -16.61 -3.81 -2.75
N ASP A 139 -15.95 -4.93 -3.06
CA ASP A 139 -15.52 -5.24 -4.43
C ASP A 139 -15.30 -6.73 -4.44
N SER A 140 -15.75 -7.44 -5.46
CA SER A 140 -15.64 -8.90 -5.39
C SER A 140 -14.62 -9.52 -6.36
N VAL A 141 -13.76 -8.69 -6.95
CA VAL A 141 -12.91 -9.14 -8.06
C VAL A 141 -11.84 -10.15 -7.61
N PHE A 142 -11.11 -9.85 -6.53
CA PHE A 142 -10.04 -10.73 -6.03
C PHE A 142 -10.27 -11.22 -4.60
N SER A 143 -10.00 -12.50 -4.36
CA SER A 143 -10.26 -13.08 -3.04
C SER A 143 -9.00 -13.41 -2.26
N GLU A 144 -7.87 -13.57 -2.95
CA GLU A 144 -6.64 -14.03 -2.28
C GLU A 144 -5.43 -13.60 -3.09
N GLY A 145 -4.27 -13.55 -2.44
CA GLY A 145 -3.04 -13.33 -3.17
C GLY A 145 -1.96 -12.81 -2.26
N GLN A 146 -0.87 -12.35 -2.87
CA GLN A 146 0.30 -11.90 -2.11
C GLN A 146 0.12 -10.50 -1.54
N PHE A 147 0.81 -10.24 -0.44
CA PHE A 147 0.92 -8.90 0.10
C PHE A 147 2.10 -8.17 -0.54
N GLY A 148 1.98 -6.85 -0.66
CA GLY A 148 3.04 -6.03 -1.19
C GLY A 148 2.99 -4.58 -0.77
N LEU A 149 3.90 -3.78 -1.35
CA LEU A 149 3.93 -2.34 -1.14
C LEU A 149 4.10 -1.67 -2.51
N ASN A 150 3.64 -0.44 -2.62
CA ASN A 150 3.72 0.34 -3.86
C ASN A 150 4.07 1.82 -3.59
N VAL A 151 4.78 2.45 -4.52
CA VAL A 151 4.84 3.93 -4.56
C VAL A 151 4.42 4.42 -5.95
N TRP A 152 3.89 5.65 -5.99
CA TRP A 152 3.48 6.27 -7.23
C TRP A 152 4.05 7.68 -7.29
N ASP A 153 4.90 7.94 -8.27
CA ASP A 153 5.53 9.28 -8.44
C ASP A 153 6.05 9.81 -7.11
N ALA A 154 6.78 8.95 -6.38
CA ALA A 154 7.19 9.31 -5.02
C ALA A 154 8.43 8.58 -4.57
N THR A 155 9.08 9.16 -3.57
CA THR A 155 9.92 8.44 -2.65
C THR A 155 9.08 8.30 -1.37
N ALA A 156 8.91 7.07 -0.91
CA ALA A 156 8.10 6.86 0.29
C ALA A 156 8.74 5.80 1.14
N VAL A 157 8.51 5.88 2.45
CA VAL A 157 9.09 4.94 3.39
C VAL A 157 8.02 4.27 4.25
N PHE A 158 8.17 2.95 4.39
CA PHE A 158 7.22 2.06 5.05
C PHE A 158 7.89 1.42 6.27
N GLN A 159 7.20 1.42 7.41
CA GLN A 159 7.75 0.89 8.65
C GLN A 159 6.66 0.14 9.46
N ASN A 160 7.04 -0.90 10.18
CA ASN A 160 6.08 -1.70 10.95
C ASN A 160 4.99 -2.27 10.05
N VAL A 161 5.42 -2.95 8.98
CA VAL A 161 4.51 -3.54 8.00
C VAL A 161 4.09 -4.89 8.58
N THR A 162 2.83 -5.00 9.00
CA THR A 162 2.40 -6.25 9.64
C THR A 162 1.05 -6.73 9.13
N LYS A 163 0.94 -8.05 9.08
CA LYS A 163 -0.25 -8.77 8.69
C LYS A 163 -0.71 -9.57 9.91
N GLU A 164 -2.02 -9.62 10.15
CA GLU A 164 -2.58 -10.58 11.12
C GLU A 164 -3.86 -11.22 10.58
N SER A 165 -4.07 -12.48 10.94
CA SER A 165 -5.10 -13.27 10.29
C SER A 165 -5.66 -14.30 11.26
#